data_8I44
#
_entry.id   8I44
#
loop_
_entity.id
_entity.type
_entity.pdbx_description
1 polymer RNA-C-3AU-uucg
2 non-polymer 1-cyclopropyl-N-[3-(dimethylamino)propyl]-7-(4-ethylpiperazin-1-yl)-6-fluoranyl-4-oxidanylidene-quinoline-3-carboxamide
#
_entity_poly.entity_id   1
_entity_poly.type   'polyribonucleotide'
_entity_poly.pdbx_seq_one_letter_code
;GGAUGCUUUCGAGCCAUCC
;
_entity_poly.pdbx_strand_id   A
#